data_6W6S
#
_entry.id   6W6S
#
_cell.length_a   76.566
_cell.length_b   76.566
_cell.length_c   157.285
_cell.angle_alpha   90.000
_cell.angle_beta   90.000
_cell.angle_gamma   120.000
#
_symmetry.space_group_name_H-M   'P 63 2 2'
#
loop_
_entity.id
_entity.type
_entity.pdbx_description
1 polymer 'HTLV-1 Protease'
2 non-polymer 'diethyl [(4-{(2S,3R)-4-{[(4-aminophenyl)sulfonyl](2-ethylbutyl)amino}-2-[({[(3R,3aS,6aR)-hexahydrofuro[2,3-b]furan-3-yl]oxy}carbonyl)amino]-3-hydroxybutyl}phenoxy)methyl]phosphonate'
3 water water
#
_entity_poly.entity_id   1
_entity_poly.type   'polypeptide(L)'
_entity_poly.pdbx_seq_one_letter_code
;PVIPLDPARRPVIKAQVDTQTSHPKTIEALLDTGADMTVIPIALFSSNTPLKNTSVLGAGGQTQDHFKLTSLPVLIRLPF
RTTPIVLTSCLVDTKNNWAIIGRDALQQCQGVLYLP
;
_entity_poly.pdbx_strand_id   B,A
#
loop_
_chem_comp.id
_chem_comp.type
_chem_comp.name
_chem_comp.formula
TK7 non-polymer 'diethyl [(4-{(2S,3R)-4-{[(4-aminophenyl)sulfonyl](2-ethylbutyl)amino}-2-[({[(3R,3aS,6aR)-hexahydrofuro[2,3-b]furan-3-yl]oxy}carbonyl)amino]-3-hydroxybutyl}phenoxy)methyl]phosphonate' 'C34 H52 N3 O11 P S'
#
# COMPACT_ATOMS: atom_id res chain seq x y z
N PRO A 1 -9.64 -16.04 -1.44
CA PRO A 1 -10.70 -15.79 -0.45
C PRO A 1 -10.98 -14.31 -0.25
N VAL A 2 -11.93 -14.01 0.63
CA VAL A 2 -12.23 -12.64 1.02
C VAL A 2 -11.38 -12.30 2.23
N ILE A 3 -10.62 -11.22 2.12
CA ILE A 3 -9.69 -10.79 3.17
C ILE A 3 -10.24 -9.49 3.76
N PRO A 4 -10.72 -9.50 5.00
CA PRO A 4 -11.22 -8.26 5.60
C PRO A 4 -10.08 -7.28 5.86
N LEU A 5 -10.43 -6.00 5.90
CA LEU A 5 -9.46 -4.93 6.09
C LEU A 5 -9.66 -4.30 7.45
N ASP A 6 -8.59 -4.25 8.23
CA ASP A 6 -8.62 -3.72 9.59
C ASP A 6 -7.28 -3.02 9.81
N PRO A 7 -7.28 -1.79 10.32
CA PRO A 7 -6.00 -1.11 10.58
C PRO A 7 -5.14 -1.87 11.56
N ALA A 8 -5.74 -2.70 12.41
CA ALA A 8 -5.03 -3.40 13.46
C ALA A 8 -4.40 -4.71 13.01
N ARG A 9 -4.87 -5.27 11.89
CA ARG A 9 -4.31 -6.49 11.33
C ARG A 9 -4.01 -6.24 9.87
N ARG A 10 -2.75 -6.48 9.46
CA ARG A 10 -2.40 -6.28 8.08
C ARG A 10 -2.89 -7.44 7.23
N PRO A 11 -3.31 -7.17 6.00
CA PRO A 11 -3.71 -8.26 5.10
C PRO A 11 -2.50 -9.01 4.56
N VAL A 12 -2.03 -9.99 5.32
CA VAL A 12 -0.85 -10.76 4.99
C VAL A 12 -1.28 -12.13 4.51
N ILE A 13 -0.41 -12.77 3.73
CA ILE A 13 -0.65 -14.14 3.30
C ILE A 13 0.68 -14.86 3.22
N LYS A 14 0.63 -16.17 3.36
CA LYS A 14 1.79 -17.01 3.18
C LYS A 14 1.89 -17.34 1.70
N ALA A 15 3.07 -17.11 1.14
CA ALA A 15 3.28 -17.23 -0.29
C ALA A 15 4.60 -17.97 -0.50
N GLN A 16 4.58 -18.94 -1.40
CA GLN A 16 5.81 -19.63 -1.80
C GLN A 16 6.44 -18.84 -2.94
N VAL A 17 7.64 -18.33 -2.73
CA VAL A 17 8.28 -17.52 -3.74
C VAL A 17 9.48 -18.25 -4.27
N ASP A 18 9.54 -18.36 -5.58
CA ASP A 18 10.60 -19.04 -6.31
C ASP A 18 11.35 -17.97 -7.09
N THR A 19 12.50 -17.55 -6.56
CA THR A 19 13.36 -16.58 -7.23
C THR A 19 14.07 -17.17 -8.43
N GLN A 20 14.09 -18.49 -8.58
CA GLN A 20 14.84 -19.18 -9.62
C GLN A 20 16.34 -19.06 -9.42
N THR A 21 16.78 -18.57 -8.28
CA THR A 21 18.20 -18.55 -7.91
C THR A 21 18.45 -19.36 -6.65
N SER A 22 17.44 -20.04 -6.14
CA SER A 22 17.58 -20.95 -5.01
C SER A 22 16.25 -21.66 -4.83
N HIS A 23 16.16 -22.47 -3.79
CA HIS A 23 14.97 -23.29 -3.58
C HIS A 23 13.77 -22.42 -3.23
N PRO A 24 12.56 -22.86 -3.57
CA PRO A 24 11.37 -22.08 -3.22
C PRO A 24 11.25 -21.90 -1.72
N LYS A 25 10.71 -20.76 -1.32
CA LYS A 25 10.60 -20.41 0.08
C LYS A 25 9.22 -19.86 0.39
N THR A 26 8.69 -20.27 1.52
CA THR A 26 7.43 -19.75 2.01
C THR A 26 7.71 -18.58 2.92
N ILE A 27 7.10 -17.44 2.63
CA ILE A 27 7.23 -16.24 3.44
C ILE A 27 5.84 -15.63 3.62
N GLU A 28 5.77 -14.64 4.51
CA GLU A 28 4.51 -13.95 4.80
C GLU A 28 4.55 -12.58 4.16
N ALA A 29 3.66 -12.34 3.21
CA ALA A 29 3.68 -11.16 2.37
C ALA A 29 2.45 -10.32 2.62
N LEU A 30 2.63 -9.00 2.60
CA LEU A 30 1.55 -8.06 2.84
C LEU A 30 0.83 -7.76 1.52
N LEU A 31 -0.49 -7.95 1.52
CA LEU A 31 -1.29 -7.70 0.33
C LEU A 31 -1.53 -6.20 0.20
N ASP A 32 -0.99 -5.61 -0.86
CA ASP A 32 -0.85 -4.16 -0.95
C ASP A 32 -1.35 -3.64 -2.28
N THR A 33 -2.58 -3.14 -2.28
CA THR A 33 -3.15 -2.54 -3.48
C THR A 33 -2.44 -1.25 -3.87
N GLY A 34 -1.78 -0.59 -2.93
CA GLY A 34 -1.08 0.62 -3.25
C GLY A 34 0.31 0.41 -3.79
N ALA A 35 0.74 -0.84 -3.90
CA ALA A 35 2.06 -1.18 -4.42
C ALA A 35 1.90 -1.55 -5.88
N ASP A 36 2.49 -0.75 -6.76
CA ASP A 36 2.41 -1.06 -8.18
C ASP A 36 3.14 -2.35 -8.50
N MET A 37 4.19 -2.66 -7.74
CA MET A 37 5.04 -3.81 -8.04
C MET A 37 5.30 -4.58 -6.75
N THR A 38 5.46 -5.89 -6.89
CA THR A 38 5.75 -6.72 -5.74
C THR A 38 7.16 -6.47 -5.22
N VAL A 39 7.33 -6.59 -3.91
CA VAL A 39 8.62 -6.47 -3.25
C VAL A 39 8.86 -7.76 -2.48
N ILE A 40 10.05 -8.34 -2.64
CA ILE A 40 10.38 -9.57 -1.93
C ILE A 40 11.70 -9.39 -1.19
N PRO A 41 11.90 -10.02 -0.03
CA PRO A 41 13.16 -9.83 0.69
C PRO A 41 14.34 -10.46 -0.04
N ILE A 42 15.48 -9.77 0.01
CA ILE A 42 16.69 -10.32 -0.56
C ILE A 42 17.12 -11.59 0.17
N ALA A 43 16.60 -11.81 1.37
CA ALA A 43 16.89 -13.06 2.07
C ALA A 43 16.48 -14.28 1.26
N LEU A 44 15.66 -14.11 0.21
CA LEU A 44 15.23 -15.23 -0.62
C LEU A 44 16.25 -15.62 -1.69
N PHE A 45 17.26 -14.81 -1.91
CA PHE A 45 18.19 -15.04 -3.00
C PHE A 45 19.51 -15.63 -2.51
N SER A 46 20.34 -15.99 -3.48
CA SER A 46 21.76 -16.25 -3.27
C SER A 46 22.50 -14.91 -3.18
N SER A 47 23.66 -14.95 -2.54
CA SER A 47 24.56 -13.79 -2.52
C SER A 47 25.45 -13.76 -3.76
N ASN A 48 25.15 -14.61 -4.76
CA ASN A 48 25.86 -14.62 -6.04
C ASN A 48 24.93 -14.34 -7.21
N THR A 49 23.77 -13.70 -6.98
CA THR A 49 22.87 -13.52 -8.10
C THR A 49 22.80 -12.05 -8.51
N PRO A 50 22.70 -11.76 -9.80
CA PRO A 50 22.71 -10.37 -10.26
C PRO A 50 21.33 -9.75 -10.15
N LEU A 51 21.29 -8.53 -9.62
CA LEU A 51 20.09 -7.70 -9.61
C LEU A 51 20.39 -6.37 -10.28
N LYS A 52 19.35 -5.74 -10.80
CA LYS A 52 19.48 -4.49 -11.54
C LYS A 52 19.04 -3.33 -10.66
N ASN A 53 19.63 -2.16 -10.89
CA ASN A 53 19.33 -1.01 -10.08
C ASN A 53 18.06 -0.33 -10.57
N THR A 54 17.43 0.42 -9.68
CA THR A 54 16.16 1.05 -10.00
C THR A 54 15.75 1.99 -8.87
N SER A 55 15.07 3.08 -9.30
CA SER A 55 14.39 4.13 -8.50
C SER A 55 12.96 3.64 -8.13
N VAL A 56 12.46 4.10 -6.99
CA VAL A 56 11.02 3.90 -6.71
C VAL A 56 10.59 5.09 -5.85
N LEU A 57 9.40 5.60 -6.11
CA LEU A 57 8.85 6.64 -5.26
C LEU A 57 8.37 6.03 -3.94
N GLY A 58 8.70 6.68 -2.83
CA GLY A 58 8.47 6.13 -1.51
C GLY A 58 8.33 7.21 -0.46
N ALA A 59 7.85 6.80 0.71
CA ALA A 59 7.70 7.74 1.83
C ALA A 59 9.07 8.20 2.32
N GLY A 60 9.23 9.51 2.47
CA GLY A 60 10.45 10.10 2.97
C GLY A 60 11.31 10.77 1.93
N GLY A 61 10.81 10.90 0.69
CA GLY A 61 11.53 11.52 -0.41
C GLY A 61 11.92 10.61 -1.55
N GLN A 62 13.23 10.35 -1.71
CA GLN A 62 13.73 9.56 -2.84
C GLN A 62 14.91 8.70 -2.41
N THR A 63 14.86 7.41 -2.74
CA THR A 63 15.91 6.45 -2.39
C THR A 63 16.47 5.84 -3.67
N GLN A 64 17.77 6.01 -3.89
CA GLN A 64 18.41 5.58 -5.13
C GLN A 64 18.65 4.07 -5.16
N ASP A 65 19.41 3.56 -4.19
CA ASP A 65 19.90 2.18 -4.21
C ASP A 65 19.19 1.26 -3.23
N HIS A 66 18.11 1.73 -2.59
CA HIS A 66 17.42 0.91 -1.59
C HIS A 66 16.81 -0.34 -2.22
N PHE A 67 16.13 -0.18 -3.35
CA PHE A 67 15.41 -1.27 -3.99
C PHE A 67 16.15 -1.73 -5.24
N LYS A 68 16.22 -3.04 -5.43
CA LYS A 68 16.76 -3.61 -6.66
C LYS A 68 15.68 -4.36 -7.43
N LEU A 69 15.97 -4.61 -8.69
CA LEU A 69 15.07 -5.28 -9.61
C LEU A 69 15.59 -6.67 -9.92
N THR A 70 14.69 -7.63 -10.04
CA THR A 70 15.17 -8.96 -10.40
C THR A 70 15.48 -9.00 -11.89
N SER A 71 16.32 -9.96 -12.26
CA SER A 71 16.72 -10.15 -13.65
C SER A 71 15.95 -11.26 -14.33
N LEU A 72 15.58 -12.34 -13.55
CA LEU A 72 14.72 -13.46 -13.94
C LEU A 72 13.32 -13.29 -13.34
N PRO A 73 12.29 -13.81 -14.00
CA PRO A 73 10.96 -13.76 -13.40
C PRO A 73 10.93 -14.46 -12.05
N VAL A 74 9.94 -14.08 -11.26
CA VAL A 74 9.75 -14.62 -9.92
C VAL A 74 8.40 -15.32 -9.90
N LEU A 75 8.38 -16.53 -9.40
CA LEU A 75 7.16 -17.31 -9.32
C LEU A 75 6.64 -17.32 -7.90
N ILE A 76 5.35 -17.09 -7.76
CA ILE A 76 4.71 -16.97 -6.46
C ILE A 76 3.51 -17.90 -6.45
N ARG A 77 3.43 -18.72 -5.40
CA ARG A 77 2.32 -19.64 -5.22
C ARG A 77 1.58 -19.29 -3.94
N LEU A 78 0.28 -19.20 -4.02
CA LEU A 78 -0.46 -18.95 -2.80
C LEU A 78 -1.21 -20.19 -2.39
N PRO A 79 -1.64 -20.26 -1.13
CA PRO A 79 -2.28 -21.48 -0.63
C PRO A 79 -3.50 -21.89 -1.42
N PHE A 80 -4.24 -20.94 -1.99
CA PHE A 80 -5.48 -21.24 -2.68
C PHE A 80 -5.31 -21.32 -4.20
N ARG A 81 -4.08 -21.29 -4.69
CA ARG A 81 -3.82 -21.34 -6.12
C ARG A 81 -2.78 -22.42 -6.37
N THR A 82 -3.16 -23.47 -7.10
CA THR A 82 -2.16 -24.45 -7.50
C THR A 82 -1.19 -23.83 -8.50
N THR A 83 -1.68 -23.04 -9.45
CA THR A 83 -0.80 -22.50 -10.48
C THR A 83 -0.05 -21.29 -9.93
N PRO A 84 1.20 -21.11 -10.33
CA PRO A 84 2.01 -20.01 -9.78
C PRO A 84 1.81 -18.70 -10.52
N ILE A 85 1.94 -17.61 -9.76
CA ILE A 85 2.06 -16.28 -10.35
C ILE A 85 3.48 -16.10 -10.87
N VAL A 86 3.61 -15.59 -12.08
CA VAL A 86 4.90 -15.38 -12.70
C VAL A 86 5.04 -13.89 -12.99
N LEU A 87 5.93 -13.23 -12.27
CA LEU A 87 6.14 -11.79 -12.40
C LEU A 87 7.38 -11.56 -13.24
N THR A 88 7.21 -10.84 -14.35
CA THR A 88 8.31 -10.70 -15.28
C THR A 88 9.58 -10.31 -14.53
N SER A 89 9.42 -9.44 -13.49
CA SER A 89 10.45 -9.09 -12.49
C SER A 89 9.67 -8.40 -11.33
N CYS A 90 10.29 -8.40 -10.17
CA CYS A 90 9.72 -7.59 -9.10
C CYS A 90 10.87 -7.07 -8.24
N LEU A 91 10.54 -6.13 -7.36
CA LEU A 91 11.54 -5.43 -6.59
C LEU A 91 12.09 -6.33 -5.49
N VAL A 92 13.33 -6.06 -5.10
CA VAL A 92 13.99 -6.81 -4.03
C VAL A 92 14.45 -5.81 -2.99
N ASP A 93 13.99 -6.00 -1.75
CA ASP A 93 14.32 -5.13 -0.64
C ASP A 93 15.65 -5.57 -0.04
N THR A 94 16.68 -4.77 -0.26
CA THR A 94 18.02 -5.13 0.19
C THR A 94 18.25 -4.81 1.67
N LYS A 95 17.28 -4.22 2.35
CA LYS A 95 17.48 -3.84 3.75
C LYS A 95 16.34 -4.35 4.63
N ASN A 96 15.18 -3.69 4.57
CA ASN A 96 14.09 -4.02 5.48
C ASN A 96 13.63 -5.46 5.34
N ASN A 97 13.94 -6.13 4.23
CA ASN A 97 13.45 -7.47 3.96
C ASN A 97 11.92 -7.50 4.00
N TRP A 98 11.32 -6.62 3.20
CA TRP A 98 9.87 -6.55 3.07
C TRP A 98 9.34 -7.62 2.14
N ALA A 99 8.12 -8.07 2.43
CA ALA A 99 7.39 -8.97 1.55
C ALA A 99 6.05 -8.33 1.26
N ILE A 100 5.86 -7.88 0.03
CA ILE A 100 4.67 -7.11 -0.36
C ILE A 100 4.14 -7.67 -1.67
N ILE A 101 2.88 -8.08 -1.67
CA ILE A 101 2.21 -8.56 -2.88
C ILE A 101 1.54 -7.33 -3.49
N GLY A 102 2.04 -6.92 -4.65
CA GLY A 102 1.56 -5.72 -5.30
C GLY A 102 0.51 -6.03 -6.34
N ARG A 103 0.10 -4.97 -7.05
CA ARG A 103 -0.97 -5.11 -8.01
C ARG A 103 -0.54 -5.93 -9.22
N ASP A 104 0.77 -5.98 -9.49
CA ASP A 104 1.26 -6.86 -10.55
C ASP A 104 0.88 -8.31 -10.26
N ALA A 105 1.01 -8.72 -9.00
CA ALA A 105 0.64 -10.07 -8.61
C ALA A 105 -0.87 -10.22 -8.45
N LEU A 106 -1.51 -9.21 -7.87
CA LEU A 106 -2.95 -9.29 -7.64
C LEU A 106 -3.73 -9.35 -8.95
N GLN A 107 -3.21 -8.73 -10.00
CA GLN A 107 -3.86 -8.80 -11.30
C GLN A 107 -3.89 -10.22 -11.83
N GLN A 108 -2.79 -10.97 -11.64
CA GLN A 108 -2.74 -12.35 -12.11
C GLN A 108 -3.59 -13.27 -11.26
N CYS A 109 -3.85 -12.91 -10.00
CA CYS A 109 -4.84 -13.61 -9.20
C CYS A 109 -6.25 -13.19 -9.57
N GLN A 110 -6.41 -12.33 -10.58
CA GLN A 110 -7.69 -11.67 -10.81
C GLN A 110 -8.23 -11.09 -9.52
N GLY A 111 -7.33 -10.51 -8.71
CA GLY A 111 -7.74 -9.91 -7.46
C GLY A 111 -8.36 -8.54 -7.65
N VAL A 112 -9.29 -8.21 -6.77
CA VAL A 112 -10.04 -6.97 -6.83
C VAL A 112 -10.17 -6.41 -5.43
N LEU A 113 -10.42 -5.11 -5.36
CA LEU A 113 -10.79 -4.44 -4.13
C LEU A 113 -12.26 -4.08 -4.22
N TYR A 114 -13.04 -4.49 -3.22
CA TYR A 114 -14.48 -4.30 -3.25
C TYR A 114 -14.90 -3.49 -2.03
N LEU A 115 -15.56 -2.37 -2.26
CA LEU A 115 -16.16 -1.60 -1.19
C LEU A 115 -17.66 -1.54 -1.42
N PRO A 116 -18.47 -2.11 -0.52
CA PRO A 116 -19.92 -2.23 -0.71
C PRO A 116 -20.61 -0.91 -1.02
N PRO B 1 -18.24 -0.30 -4.98
CA PRO B 1 -18.11 -1.04 -6.24
C PRO B 1 -16.94 -2.01 -6.24
N VAL B 2 -16.76 -2.71 -7.35
CA VAL B 2 -15.62 -3.60 -7.54
C VAL B 2 -14.51 -2.81 -8.22
N ILE B 3 -13.33 -2.81 -7.62
CA ILE B 3 -12.20 -2.05 -8.14
C ILE B 3 -11.17 -3.06 -8.65
N PRO B 4 -11.03 -3.23 -9.95
CA PRO B 4 -10.02 -4.15 -10.46
C PRO B 4 -8.62 -3.66 -10.13
N LEU B 5 -7.69 -4.59 -10.05
CA LEU B 5 -6.31 -4.33 -9.67
C LEU B 5 -5.43 -4.52 -10.89
N ASP B 6 -4.67 -3.48 -11.23
CA ASP B 6 -3.85 -3.44 -12.41
C ASP B 6 -2.61 -2.66 -11.99
N PRO B 7 -1.41 -3.20 -12.21
CA PRO B 7 -0.20 -2.45 -11.86
C PRO B 7 -0.10 -1.14 -12.59
N ALA B 8 -0.73 -1.05 -13.76
CA ALA B 8 -0.63 0.12 -14.63
C ALA B 8 -1.61 1.23 -14.28
N ARG B 9 -2.66 0.92 -13.51
CA ARG B 9 -3.66 1.91 -13.12
C ARG B 9 -3.81 1.87 -11.61
N ARG B 10 -3.34 2.93 -10.94
N ARG B 10 -3.37 2.92 -10.93
CA ARG B 10 -3.49 3.03 -9.50
CA ARG B 10 -3.45 2.95 -9.48
C ARG B 10 -4.97 2.88 -9.13
C ARG B 10 -4.91 2.96 -9.04
N PRO B 11 -5.29 2.12 -8.07
CA PRO B 11 -6.70 2.02 -7.66
C PRO B 11 -7.12 3.25 -6.86
N VAL B 12 -7.57 4.29 -7.55
CA VAL B 12 -7.90 5.53 -6.88
C VAL B 12 -9.41 5.71 -6.82
N ILE B 13 -9.83 6.55 -5.88
CA ILE B 13 -11.23 6.90 -5.71
C ILE B 13 -11.32 8.38 -5.35
N LYS B 14 -12.45 8.97 -5.67
CA LYS B 14 -12.74 10.34 -5.29
C LYS B 14 -13.42 10.33 -3.93
N ALA B 15 -12.88 11.13 -3.01
CA ALA B 15 -13.38 11.17 -1.66
C ALA B 15 -13.45 12.62 -1.23
N GLN B 16 -14.55 13.00 -0.59
CA GLN B 16 -14.66 14.32 0.02
C GLN B 16 -14.10 14.23 1.44
N VAL B 17 -13.06 15.02 1.70
CA VAL B 17 -12.35 14.96 2.97
C VAL B 17 -12.65 16.22 3.77
N ASP B 18 -13.09 16.04 5.00
CA ASP B 18 -13.43 17.14 5.90
C ASP B 18 -12.41 17.11 7.03
N THR B 19 -11.37 17.95 6.92
CA THR B 19 -10.37 18.06 7.98
C THR B 19 -10.91 18.75 9.22
N GLN B 20 -12.06 19.40 9.11
CA GLN B 20 -12.62 20.21 10.19
C GLN B 20 -11.75 21.44 10.48
N THR B 21 -10.79 21.75 9.60
CA THR B 21 -10.02 22.98 9.67
C THR B 21 -10.21 23.86 8.44
N SER B 22 -11.11 23.48 7.54
CA SER B 22 -11.49 24.29 6.38
C SER B 22 -12.65 23.58 5.71
N HIS B 23 -13.12 24.14 4.59
CA HIS B 23 -14.28 23.57 3.93
C HIS B 23 -13.94 22.20 3.36
N PRO B 24 -14.92 21.31 3.26
CA PRO B 24 -14.64 19.98 2.71
C PRO B 24 -14.15 20.10 1.28
N LYS B 25 -13.30 19.16 0.89
CA LYS B 25 -12.70 19.15 -0.44
C LYS B 25 -12.76 17.73 -0.98
N THR B 26 -13.12 17.61 -2.26
CA THR B 26 -13.10 16.32 -2.94
C THR B 26 -11.73 16.16 -3.59
N ILE B 27 -11.07 15.04 -3.28
CA ILE B 27 -9.76 14.78 -3.86
C ILE B 27 -9.72 13.33 -4.33
N GLU B 28 -8.63 13.01 -5.01
CA GLU B 28 -8.41 11.68 -5.56
C GLU B 28 -7.44 10.96 -4.66
N ALA B 29 -7.89 9.89 -4.04
CA ALA B 29 -7.13 9.17 -3.02
C ALA B 29 -6.87 7.75 -3.49
N LEU B 30 -5.70 7.24 -3.14
CA LEU B 30 -5.31 5.90 -3.52
C LEU B 30 -5.83 4.90 -2.50
N LEU B 31 -6.53 3.88 -2.99
CA LEU B 31 -7.04 2.84 -2.10
C LEU B 31 -5.92 1.87 -1.78
N ASP B 32 -5.53 1.81 -0.52
CA ASP B 32 -4.26 1.18 -0.15
C ASP B 32 -4.45 0.21 1.01
N THR B 33 -4.57 -1.07 0.67
CA THR B 33 -4.70 -2.10 1.68
C THR B 33 -3.45 -2.24 2.54
N GLY B 34 -2.31 -1.78 2.06
CA GLY B 34 -1.11 -1.85 2.86
C GLY B 34 -0.92 -0.72 3.84
N ALA B 35 -1.84 0.25 3.87
CA ALA B 35 -1.72 1.42 4.73
C ALA B 35 -2.54 1.23 6.00
N ASP B 36 -1.85 1.16 7.15
CA ASP B 36 -2.57 1.03 8.41
C ASP B 36 -3.41 2.25 8.70
N MET B 37 -2.97 3.41 8.24
CA MET B 37 -3.64 4.65 8.58
C MET B 37 -3.78 5.48 7.32
N THR B 38 -4.87 6.23 7.25
CA THR B 38 -5.10 7.07 6.08
C THR B 38 -4.11 8.24 6.10
N VAL B 39 -3.75 8.67 4.88
CA VAL B 39 -2.82 9.78 4.66
C VAL B 39 -3.56 10.87 3.89
N ILE B 40 -3.47 12.10 4.39
CA ILE B 40 -4.19 13.23 3.77
C ILE B 40 -3.20 14.35 3.45
N PRO B 41 -3.35 15.05 2.33
CA PRO B 41 -2.40 16.13 2.01
C PRO B 41 -2.57 17.27 2.98
N ILE B 42 -1.46 17.90 3.36
CA ILE B 42 -1.57 19.04 4.24
C ILE B 42 -2.27 20.20 3.55
N ALA B 43 -2.32 20.19 2.21
CA ALA B 43 -3.05 21.23 1.47
C ALA B 43 -4.53 21.26 1.84
N LEU B 44 -5.05 20.21 2.46
CA LEU B 44 -6.45 20.17 2.84
C LEU B 44 -6.73 20.82 4.18
N PHE B 45 -5.71 21.17 4.95
CA PHE B 45 -5.90 21.81 6.25
C PHE B 45 -5.65 23.30 6.14
N SER B 46 -5.92 24.01 7.23
CA SER B 46 -5.42 25.37 7.36
C SER B 46 -3.98 25.37 7.81
N SER B 47 -3.28 26.45 7.50
CA SER B 47 -1.93 26.67 7.98
C SER B 47 -1.89 27.26 9.37
N ASN B 48 -3.03 27.31 10.06
CA ASN B 48 -3.10 27.76 11.44
C ASN B 48 -3.61 26.67 12.38
N THR B 49 -3.54 25.39 11.96
CA THR B 49 -4.08 24.32 12.78
C THR B 49 -2.96 23.43 13.31
N PRO B 50 -3.08 22.94 14.54
CA PRO B 50 -1.99 22.14 15.13
C PRO B 50 -2.03 20.70 14.67
N LEU B 51 -0.85 20.18 14.32
CA LEU B 51 -0.66 18.76 14.05
C LEU B 51 0.43 18.26 14.98
N LYS B 52 0.39 16.96 15.25
CA LYS B 52 1.31 16.34 16.19
C LYS B 52 2.36 15.50 15.45
N ASN B 53 3.54 15.44 16.03
CA ASN B 53 4.65 14.73 15.40
C ASN B 53 4.59 13.24 15.73
N THR B 54 5.18 12.44 14.85
CA THR B 54 5.17 10.99 14.99
C THR B 54 5.98 10.36 13.86
N SER B 55 6.54 9.18 14.10
CA SER B 55 7.23 8.41 13.08
C SER B 55 6.23 7.66 12.21
N VAL B 56 6.62 7.33 10.98
CA VAL B 56 5.77 6.54 10.10
C VAL B 56 6.63 5.58 9.29
N LEU B 57 6.12 4.38 9.05
CA LEU B 57 6.80 3.48 8.13
C LEU B 57 6.54 3.94 6.69
N GLY B 58 7.61 3.88 5.88
CA GLY B 58 7.64 4.44 4.54
C GLY B 58 8.57 3.64 3.66
N ALA B 59 8.45 3.90 2.36
CA ALA B 59 9.24 3.14 1.40
C ALA B 59 10.73 3.40 1.52
N GLY B 60 11.15 4.44 2.24
CA GLY B 60 12.55 4.70 2.44
C GLY B 60 13.09 4.27 3.79
N GLY B 61 12.33 3.53 4.58
CA GLY B 61 12.79 3.17 5.91
C GLY B 61 11.99 3.92 6.94
N GLN B 62 12.57 5.00 7.46
CA GLN B 62 11.97 5.80 8.52
C GLN B 62 12.17 7.26 8.19
N THR B 63 11.07 8.02 8.23
CA THR B 63 11.06 9.45 7.92
C THR B 63 10.53 10.18 9.15
N GLN B 64 11.34 11.09 9.70
CA GLN B 64 11.01 11.72 10.96
C GLN B 64 9.91 12.77 10.80
N ASP B 65 10.15 13.80 9.98
CA ASP B 65 9.28 14.96 9.93
C ASP B 65 8.42 15.01 8.68
N HIS B 66 8.44 13.98 7.85
CA HIS B 66 7.63 14.00 6.64
C HIS B 66 6.14 13.96 6.96
N PHE B 67 5.74 13.07 7.87
CA PHE B 67 4.35 12.87 8.19
C PHE B 67 4.02 13.43 9.57
N LYS B 68 2.90 14.13 9.64
CA LYS B 68 2.35 14.63 10.88
C LYS B 68 1.02 13.93 11.15
N LEU B 69 0.55 14.06 12.38
CA LEU B 69 -0.71 13.45 12.78
C LEU B 69 -1.74 14.55 12.98
N THR B 70 -2.99 14.24 12.66
CA THR B 70 -4.04 15.22 12.86
C THR B 70 -4.36 15.33 14.34
N SER B 71 -4.94 16.48 14.70
CA SER B 71 -5.35 16.75 16.07
C SER B 71 -6.84 16.57 16.27
N LEU B 72 -7.60 16.87 15.28
CA LEU B 72 -9.03 16.65 15.19
C LEU B 72 -9.32 15.44 14.29
N PRO B 73 -10.43 14.74 14.53
CA PRO B 73 -10.80 13.66 13.60
C PRO B 73 -10.96 14.22 12.19
N VAL B 74 -10.92 13.31 11.23
CA VAL B 74 -11.14 13.61 9.83
C VAL B 74 -12.32 12.80 9.35
N LEU B 75 -13.27 13.44 8.70
CA LEU B 75 -14.43 12.76 8.15
C LEU B 75 -14.24 12.64 6.64
N ILE B 76 -14.55 11.46 6.12
CA ILE B 76 -14.32 11.15 4.71
C ILE B 76 -15.61 10.61 4.13
N ARG B 77 -16.02 11.15 2.99
CA ARG B 77 -17.23 10.74 2.30
C ARG B 77 -16.87 10.18 0.93
N LEU B 78 -17.50 9.07 0.58
CA LEU B 78 -17.32 8.43 -0.70
C LEU B 78 -18.49 8.76 -1.60
N PRO B 79 -18.32 8.62 -2.92
CA PRO B 79 -19.44 8.93 -3.83
C PRO B 79 -20.66 8.08 -3.54
N PHE B 80 -20.46 6.85 -3.08
CA PHE B 80 -21.54 5.90 -2.83
C PHE B 80 -21.91 5.79 -1.36
N ARG B 81 -21.45 6.71 -0.52
CA ARG B 81 -21.63 6.62 0.93
C ARG B 81 -22.37 7.86 1.42
N THR B 82 -23.57 7.67 1.94
CA THR B 82 -24.26 8.80 2.55
C THR B 82 -23.55 9.22 3.86
N THR B 83 -23.22 8.25 4.69
CA THR B 83 -22.62 8.51 5.99
C THR B 83 -21.11 8.74 5.87
N PRO B 84 -20.54 9.58 6.73
CA PRO B 84 -19.11 9.85 6.65
C PRO B 84 -18.29 8.81 7.39
N ILE B 85 -17.08 8.58 6.88
CA ILE B 85 -16.06 7.85 7.63
C ILE B 85 -15.41 8.80 8.61
N VAL B 86 -15.30 8.38 9.86
CA VAL B 86 -14.73 9.21 10.91
C VAL B 86 -13.47 8.51 11.41
N LEU B 87 -12.32 9.09 11.15
CA LEU B 87 -11.06 8.53 11.61
C LEU B 87 -10.56 9.34 12.78
N THR B 88 -10.43 8.69 13.93
CA THR B 88 -9.99 9.36 15.16
C THR B 88 -8.69 10.11 14.95
N SER B 89 -7.80 9.56 14.14
CA SER B 89 -6.58 10.27 13.75
C SER B 89 -6.08 9.68 12.44
N CYS B 90 -5.41 10.51 11.65
CA CYS B 90 -4.81 10.00 10.42
C CYS B 90 -3.60 10.85 10.09
N LEU B 91 -2.77 10.35 9.19
CA LEU B 91 -1.52 11.02 8.90
C LEU B 91 -1.74 12.18 7.95
N VAL B 92 -0.85 13.14 8.00
CA VAL B 92 -0.92 14.28 7.11
C VAL B 92 0.38 14.46 6.42
N ASP B 93 0.32 14.50 5.09
CA ASP B 93 1.46 14.60 4.20
C ASP B 93 1.84 16.06 4.02
N THR B 94 2.94 16.46 4.67
CA THR B 94 3.38 17.85 4.64
C THR B 94 4.20 18.19 3.40
N LYS B 95 4.50 17.23 2.53
CA LYS B 95 5.32 17.49 1.36
C LYS B 95 4.71 16.94 0.09
N ASN B 96 4.78 15.61 -0.09
CA ASN B 96 4.37 14.97 -1.34
C ASN B 96 2.92 15.26 -1.71
N ASN B 97 2.10 15.72 -0.79
CA ASN B 97 0.68 15.90 -1.06
C ASN B 97 0.06 14.56 -1.52
N TRP B 98 0.27 13.53 -0.72
CA TRP B 98 -0.32 12.22 -1.02
C TRP B 98 -1.74 12.13 -0.46
N ALA B 99 -2.59 11.40 -1.15
CA ALA B 99 -3.94 11.09 -0.68
C ALA B 99 -4.06 9.58 -0.70
N ILE B 100 -4.13 8.97 0.49
CA ILE B 100 -4.10 7.53 0.65
C ILE B 100 -5.27 7.13 1.55
N ILE B 101 -6.12 6.24 1.05
CA ILE B 101 -7.19 5.66 1.86
C ILE B 101 -6.67 4.35 2.41
N GLY B 102 -6.44 4.29 3.72
CA GLY B 102 -5.84 3.13 4.35
C GLY B 102 -6.87 2.17 4.88
N ARG B 103 -6.38 1.18 5.62
CA ARG B 103 -7.27 0.15 6.14
C ARG B 103 -8.17 0.69 7.23
N ASP B 104 -7.73 1.74 7.93
CA ASP B 104 -8.59 2.38 8.92
C ASP B 104 -9.89 2.84 8.29
N ALA B 105 -9.80 3.43 7.09
CA ALA B 105 -11.00 3.87 6.41
C ALA B 105 -11.71 2.71 5.75
N LEU B 106 -10.95 1.78 5.16
CA LEU B 106 -11.55 0.66 4.45
C LEU B 106 -12.32 -0.26 5.38
N GLN B 107 -11.93 -0.30 6.66
CA GLN B 107 -12.70 -1.08 7.63
C GLN B 107 -14.11 -0.52 7.77
N GLN B 108 -14.22 0.81 7.82
CA GLN B 108 -15.52 1.45 7.96
C GLN B 108 -16.36 1.41 6.69
N CYS B 109 -15.73 1.28 5.51
CA CYS B 109 -16.47 1.06 4.26
C CYS B 109 -16.94 -0.39 4.11
N GLN B 110 -16.71 -1.23 5.12
CA GLN B 110 -16.85 -2.67 4.95
C GLN B 110 -16.16 -3.12 3.67
N GLY B 111 -15.02 -2.50 3.37
CA GLY B 111 -14.26 -2.88 2.21
C GLY B 111 -13.44 -4.11 2.45
N VAL B 112 -13.24 -4.89 1.39
CA VAL B 112 -12.56 -6.17 1.47
C VAL B 112 -11.67 -6.33 0.26
N LEU B 113 -10.70 -7.22 0.40
CA LEU B 113 -9.87 -7.69 -0.70
C LEU B 113 -10.28 -9.11 -1.05
N TYR B 114 -10.56 -9.36 -2.32
CA TYR B 114 -11.04 -10.66 -2.77
C TYR B 114 -10.07 -11.24 -3.79
N LEU B 115 -9.55 -12.43 -3.50
CA LEU B 115 -8.71 -13.17 -4.43
C LEU B 115 -9.44 -14.44 -4.82
N PRO B 116 -9.86 -14.60 -6.08
CA PRO B 116 -10.65 -15.76 -6.52
C PRO B 116 -9.98 -17.10 -6.22
C13 TK7 C . 2.32 1.47 1.00
C15 TK7 C . 3.45 1.12 1.98
C17 TK7 C . 3.00 2.96 3.69
C20 TK7 C . 2.11 4.29 5.59
C21 TK7 C . 1.14 5.09 5.81
C24 TK7 C . 0.98 3.78 7.73
C26 TK7 C . 1.24 1.49 7.95
C28 TK7 C . 3.74 -0.40 1.98
C01 TK7 C . 5.82 0.34 -5.96
C02 TK7 C . 5.42 1.76 -5.53
C03 TK7 C . 5.32 2.10 -4.04
C04 TK7 C . 5.58 1.03 -2.96
C05 TK7 C . 5.97 -0.40 -3.40
C06 TK7 C . 6.08 -0.74 -4.90
C11 TK7 C . 3.43 3.31 -1.88
C12 TK7 C . 2.75 1.21 -0.47
C23 TK7 C . 2.18 3.36 6.85
C25 TK7 C . 1.95 2.07 6.59
C29 TK7 C . 4.31 -0.75 3.38
C30 TK7 C . 3.35 -1.10 4.53
C31 TK7 C . 3.90 -1.42 5.93
C32 TK7 C . 5.42 -1.43 6.19
C33 TK7 C . 6.38 -1.08 5.03
C34 TK7 C . 5.83 -0.75 3.62
C36 TK7 C . 3.06 5.43 -3.65
C37 TK7 C . 2.47 4.44 -1.37
C38 TK7 C . 2.78 5.73 -2.18
C39 TK7 C . 2.59 4.84 0.13
C40 TK7 C . 4.02 4.64 0.69
C42 TK7 C . 7.20 -2.22 7.68
C46 TK7 C . 5.71 -5.75 6.28
C47 TK7 C . 6.35 -5.23 10.12
C48 TK7 C . 6.40 -6.98 5.63
C49 TK7 C . 6.35 -4.32 11.56
N10 TK7 C . 3.81 2.19 -0.92
N16 TK7 C . 3.02 1.54 3.32
N41 TK7 C . 5.90 0.05 -7.40
O08 TK7 C . 6.42 2.53 -0.83
O09 TK7 C . 5.75 0.45 -0.26
O14 TK7 C . 1.20 0.71 1.32
O18 TK7 C . 3.95 3.66 3.46
O19 TK7 C . 1.84 3.50 4.31
O22 TK7 C . 0.17 4.36 6.93
O27 TK7 C . 0.41 2.43 8.33
O35 TK7 C . 5.88 -1.73 7.51
O44 TK7 C . 6.65 -4.70 6.36
O45 TK7 C . 5.98 -4.48 9.00
O50 TK7 C . 8.43 -4.63 8.22
P43 TK7 C . 7.12 -4.10 7.84
S07 TK7 C . 5.41 1.54 -1.19
H131 TK7 C . 2.12 2.42 1.09
H151 TK7 C . 4.27 1.58 1.73
H201 TK7 C . 2.94 4.76 5.50
H211 TK7 C . 0.64 5.25 4.99
H212 TK7 C . 1.48 5.92 6.16
H241 TK7 C . 1.24 4.39 8.45
H262 TK7 C . 1.91 1.35 8.64
H261 TK7 C . 0.77 0.67 7.76
H282 TK7 C . 4.40 -0.61 1.29
H281 TK7 C . 2.93 -0.89 1.81
H021 TK7 C . 5.26 2.42 -6.17
H031 TK7 C . 5.08 2.96 -3.77
H051 TK7 C . 6.14 -1.06 -2.75
H061 TK7 C . 6.31 -1.61 -5.16
H111 TK7 C . 4.27 3.74 -2.15
H112 TK7 C . 3.02 2.89 -2.65
H121 TK7 C . 1.98 1.30 -1.05
H122 TK7 C . 3.11 0.31 -0.55
H231 TK7 C . 3.04 3.48 7.29
H252 TK7 C . 1.35 1.97 5.84
H251 TK7 C . 2.78 1.61 6.42
H301 TK7 C . 2.44 -1.11 4.39
H311 TK7 C . 3.31 -1.62 6.63
H331 TK7 C . 7.29 -1.07 5.17
H341 TK7 C . 6.41 -0.53 2.93
H363 TK7 C . 2.86 6.37 -3.72
H361 TK7 C . 2.32 4.82 -3.50
H362 TK7 C . 3.91 5.18 -3.27
H371 TK7 C . 1.57 4.07 -1.49
H381 TK7 C . 2.02 6.33 -2.12
H382 TK7 C . 3.57 6.15 -1.79
H391 TK7 C . 1.97 4.29 0.64
H392 TK7 C . 2.34 5.77 0.22
H403 TK7 C . 4.08 3.78 1.12
H401 TK7 C . 4.20 5.34 1.35
H402 TK7 C . 4.66 4.70 -0.03
H422 TK7 C . 7.60 -1.83 8.48
H421 TK7 C . 7.75 -1.98 6.91
H462 TK7 C . 5.40 -5.98 7.18
H461 TK7 C . 4.95 -5.48 5.75
H472 TK7 C . 7.23 -5.59 9.98
H471 TK7 C . 5.71 -5.97 10.23
H483 TK7 C . 7.15 -7.26 6.18
H481 TK7 C . 6.72 -6.74 4.74
H482 TK7 C . 5.76 -7.70 5.54
H493 TK7 C . 6.89 -3.56 11.84
H491 TK7 C . 6.52 -4.58 12.48
H492 TK7 C . 5.67 -3.78 11.99
H161 TK7 C . 2.79 0.94 3.89
H412 TK7 C . 5.83 0.68 -7.96
H411 TK7 C . 6.02 -0.77 -7.65
H141 TK7 C . 1.21 -0.01 0.86
#